data_4FVU
#
_entry.id   4FVU
#
_cell.length_a   44.772
_cell.length_b   84.311
_cell.length_c   79.809
_cell.angle_alpha   90.00
_cell.angle_beta   90.00
_cell.angle_gamma   90.00
#
_symmetry.space_group_name_H-M   'P 21 21 2'
#
loop_
_entity.id
_entity.type
_entity.pdbx_description
1 polymer Nucleoprotein
2 polymer "RNA (5'-R(*GP*GP*AP*GP*GP*GP*AP*G)-3')"
3 polymer "RNA (5'-R(*CP*UP*CP*CP*CP*UP*CP*C)-3')"
4 non-polymer 'ZINC ION'
5 non-polymer 'MAGNESIUM ION'
6 water water
#
loop_
_entity_poly.entity_id
_entity_poly.type
_entity_poly.pdbx_seq_one_letter_code
_entity_poly.pdbx_strand_id
1 'polypeptide(L)'
;MAHHHHHHVDDDDRMGKPQKADSNNSSKSLQSAGFTAGLTYSQLMTLKDAMLQLDPNAKTWMDIAGRPEDPVEIALYQPS
SGCYIHFFREPTDLKQFKQDAKYSHGIDVTDLFATQPGLTSAVIDALPRNMVITCQGSDDIRKLLESQGRKDIKLIDIAL
SKTDSRKYENAVWDQYKDLCHMHTGVVVEKKKRGGKEEITPHCALMDCIMFDAAVSGGLNTSVLRAVLPRDMVFRTSTPR
VVL
;
A
2 'polyribonucleotide' GGAGGGAG B
3 'polyribonucleotide' CUCCCUCC C
#
loop_
_chem_comp.id
_chem_comp.type
_chem_comp.name
_chem_comp.formula
A RNA linking ADENOSINE-5'-MONOPHOSPHATE 'C10 H14 N5 O7 P'
C RNA linking CYTIDINE-5'-MONOPHOSPHATE 'C9 H14 N3 O8 P'
G RNA linking GUANOSINE-5'-MONOPHOSPHATE 'C10 H14 N5 O8 P'
MG non-polymer 'MAGNESIUM ION' 'Mg 2'
U RNA linking URIDINE-5'-MONOPHOSPHATE 'C9 H13 N2 O9 P'
ZN non-polymer 'ZINC ION' 'Zn 2'
#
# COMPACT_ATOMS: atom_id res chain seq x y z
N GLY A 34 -15.14 17.74 -10.67
CA GLY A 34 -14.70 18.95 -11.37
C GLY A 34 -13.20 19.13 -11.36
N PHE A 35 -12.59 18.86 -10.21
CA PHE A 35 -11.16 19.04 -9.99
C PHE A 35 -10.63 17.84 -9.19
N THR A 36 -9.38 17.89 -8.75
CA THR A 36 -8.83 16.86 -7.87
C THR A 36 -8.56 17.42 -6.46
N ALA A 37 -9.35 16.98 -5.48
CA ALA A 37 -9.32 17.51 -4.12
C ALA A 37 -7.96 17.54 -3.41
N GLY A 38 -7.68 18.65 -2.72
CA GLY A 38 -6.63 18.74 -1.70
C GLY A 38 -5.20 18.90 -2.20
N LEU A 39 -4.96 18.47 -3.44
CA LEU A 39 -3.68 18.65 -4.11
C LEU A 39 -3.71 19.86 -5.05
N THR A 40 -2.76 20.77 -4.87
CA THR A 40 -2.63 21.90 -5.78
C THR A 40 -2.02 21.46 -7.12
N TYR A 41 -2.23 22.28 -8.15
CA TYR A 41 -1.82 21.98 -9.52
C TYR A 41 -0.32 21.68 -9.65
N SER A 42 0.49 22.44 -8.94
CA SER A 42 1.93 22.24 -8.87
C SER A 42 2.29 20.79 -8.49
N GLN A 43 1.75 20.31 -7.37
CA GLN A 43 2.10 18.98 -6.90
C GLN A 43 1.34 17.90 -7.67
N LEU A 44 0.20 18.29 -8.25
CA LEU A 44 -0.55 17.36 -9.05
C LEU A 44 0.16 17.07 -10.38
N MET A 45 0.90 18.05 -10.90
CA MET A 45 1.64 17.81 -12.13
C MET A 45 2.90 17.02 -11.80
N THR A 46 3.48 17.33 -10.64
CA THR A 46 4.65 16.63 -10.11
C THR A 46 4.36 15.14 -10.03
N LEU A 47 3.17 14.84 -9.50
CA LEU A 47 2.65 13.50 -9.33
C LEU A 47 2.50 12.81 -10.66
N LYS A 48 1.70 13.41 -11.53
CA LYS A 48 1.44 12.87 -12.87
C LYS A 48 2.71 12.55 -13.64
N ASP A 49 3.72 13.44 -13.57
CA ASP A 49 5.04 13.18 -14.14
C ASP A 49 5.70 12.00 -13.46
N ALA A 50 5.67 12.00 -12.13
CA ALA A 50 6.21 10.91 -11.33
C ALA A 50 5.63 9.53 -11.68
N MET A 51 4.38 9.51 -12.14
CA MET A 51 3.71 8.25 -12.44
C MET A 51 3.78 7.82 -13.91
N LEU A 52 4.47 8.64 -14.70
CA LEU A 52 4.74 8.32 -16.09
C LEU A 52 6.03 7.49 -16.14
N GLN A 53 6.68 7.39 -14.98
CA GLN A 53 7.84 6.52 -14.81
C GLN A 53 7.41 5.05 -14.83
N LEU A 54 6.11 4.81 -14.70
CA LEU A 54 5.59 3.46 -14.74
C LEU A 54 5.47 2.97 -16.18
N ASP A 55 5.82 1.70 -16.38
CA ASP A 55 5.57 1.01 -17.64
C ASP A 55 4.14 0.52 -17.63
N PRO A 56 3.29 1.03 -18.56
CA PRO A 56 1.87 0.67 -18.52
C PRO A 56 1.66 -0.84 -18.65
N ASN A 57 2.55 -1.48 -19.38
CA ASN A 57 2.42 -2.90 -19.68
C ASN A 57 3.26 -3.89 -18.85
N ALA A 58 4.04 -3.39 -17.91
CA ALA A 58 4.77 -4.24 -16.96
C ALA A 58 3.81 -4.98 -15.96
N LYS A 59 4.31 -6.09 -15.41
CA LYS A 59 3.62 -6.77 -14.31
C LYS A 59 3.56 -5.77 -13.17
N THR A 60 2.36 -5.59 -12.62
CA THR A 60 2.16 -4.57 -11.61
C THR A 60 1.35 -5.07 -10.41
N TRP A 61 1.98 -5.04 -9.26
CA TRP A 61 1.40 -5.54 -8.02
C TRP A 61 0.70 -4.42 -7.26
N MET A 62 -0.42 -4.75 -6.64
CA MET A 62 -1.03 -3.81 -5.71
C MET A 62 -1.62 -4.46 -4.47
N ASP A 63 -1.19 -3.97 -3.31
CA ASP A 63 -1.84 -4.39 -2.08
C ASP A 63 -2.18 -3.14 -1.28
N ILE A 64 -3.15 -3.28 -0.39
CA ILE A 64 -3.48 -2.25 0.58
C ILE A 64 -3.59 -2.81 1.99
N ALA A 65 -3.34 -1.92 2.94
CA ALA A 65 -3.71 -2.11 4.33
C ALA A 65 -4.93 -1.22 4.57
N GLY A 66 -5.88 -1.70 5.36
CA GLY A 66 -7.14 -1.00 5.58
C GLY A 66 -8.26 -1.60 4.74
N ARG A 67 -9.50 -1.25 5.07
CA ARG A 67 -10.64 -1.65 4.26
C ARG A 67 -10.56 -0.94 2.90
N PRO A 68 -11.13 -1.54 1.85
CA PRO A 68 -11.21 -0.82 0.58
C PRO A 68 -12.02 0.49 0.68
N GLU A 69 -12.90 0.57 1.68
CA GLU A 69 -13.71 1.76 1.93
C GLU A 69 -12.90 2.84 2.62
N ASP A 70 -11.95 2.40 3.44
CA ASP A 70 -11.22 3.28 4.32
C ASP A 70 -9.75 2.86 4.36
N PRO A 71 -9.06 2.97 3.22
CA PRO A 71 -7.70 2.41 3.17
C PRO A 71 -6.72 3.30 3.90
N VAL A 72 -5.61 2.71 4.36
CA VAL A 72 -4.61 3.46 5.15
C VAL A 72 -3.24 3.39 4.49
N GLU A 73 -2.81 2.18 4.16
CA GLU A 73 -1.58 2.03 3.41
C GLU A 73 -1.82 1.53 1.98
N ILE A 74 -1.08 2.10 1.03
CA ILE A 74 -1.24 1.73 -0.37
C ILE A 74 0.10 1.55 -1.08
N ALA A 75 0.33 0.35 -1.62
CA ALA A 75 1.52 0.08 -2.41
C ALA A 75 1.22 -0.48 -3.79
N LEU A 76 2.04 -0.07 -4.76
CA LEU A 76 2.09 -0.63 -6.10
C LEU A 76 3.53 -0.93 -6.45
N TYR A 77 3.77 -2.06 -7.15
CA TYR A 77 5.13 -2.56 -7.38
C TYR A 77 5.37 -3.13 -8.80
N GLN A 78 6.42 -2.66 -9.46
CA GLN A 78 6.90 -3.30 -10.68
C GLN A 78 8.29 -3.87 -10.48
N PRO A 79 8.38 -5.21 -10.43
CA PRO A 79 9.62 -5.93 -10.17
C PRO A 79 10.59 -5.74 -11.32
N SER A 80 10.06 -5.60 -12.52
CA SER A 80 10.88 -5.41 -13.72
C SER A 80 11.85 -4.22 -13.62
N SER A 81 11.31 -3.04 -13.33
CA SER A 81 12.11 -1.83 -13.09
C SER A 81 12.64 -1.72 -11.66
N GLY A 82 11.89 -2.27 -10.70
CA GLY A 82 12.23 -2.14 -9.30
C GLY A 82 11.55 -0.95 -8.65
N CYS A 83 10.84 -0.16 -9.46
CA CYS A 83 10.17 1.01 -8.92
C CYS A 83 8.81 0.72 -8.28
N TYR A 84 8.54 1.43 -7.19
CA TYR A 84 7.31 1.27 -6.42
C TYR A 84 6.66 2.58 -6.04
N ILE A 85 5.35 2.52 -5.82
CA ILE A 85 4.56 3.62 -5.29
C ILE A 85 3.99 3.21 -3.92
N HIS A 86 4.47 3.82 -2.86
CA HIS A 86 4.03 3.52 -1.52
C HIS A 86 3.66 4.84 -0.85
N PHE A 87 2.48 4.88 -0.25
CA PHE A 87 2.04 6.05 0.50
C PHE A 87 0.93 5.69 1.47
N PHE A 88 0.44 6.71 2.17
CA PHE A 88 -0.43 6.56 3.33
C PHE A 88 -1.62 7.54 3.43
N ARG A 89 -2.68 7.05 4.05
CA ARG A 89 -3.92 7.81 4.28
C ARG A 89 -4.45 7.59 5.71
N GLU A 90 -5.12 8.60 6.28
CA GLU A 90 -5.70 8.48 7.62
C GLU A 90 -7.10 7.90 7.62
N PRO A 91 -7.40 7.01 8.57
CA PRO A 91 -8.72 6.38 8.57
C PRO A 91 -9.85 7.30 8.99
N THR A 92 -11.01 7.17 8.38
CA THR A 92 -12.22 7.87 8.84
C THR A 92 -12.90 7.12 9.99
N ASP A 93 -12.81 5.78 9.95
CA ASP A 93 -13.35 4.96 11.02
C ASP A 93 -12.17 4.51 11.87
N LEU A 94 -12.02 5.12 13.04
CA LEU A 94 -10.91 4.80 13.89
C LEU A 94 -11.19 3.54 14.71
N LYS A 95 -12.46 3.20 14.88
CA LYS A 95 -12.82 2.03 15.64
C LYS A 95 -12.43 0.77 14.88
N GLN A 96 -12.88 0.70 13.61
CA GLN A 96 -12.53 -0.40 12.73
C GLN A 96 -11.03 -0.43 12.51
N PHE A 97 -10.42 0.74 12.35
CA PHE A 97 -8.96 0.82 12.20
C PHE A 97 -8.20 0.15 13.36
N LYS A 98 -8.72 0.30 14.58
CA LYS A 98 -8.00 -0.10 15.79
C LYS A 98 -7.92 -1.63 15.98
N GLN A 99 -8.96 -2.32 15.53
CA GLN A 99 -9.00 -3.77 15.52
C GLN A 99 -8.08 -4.28 14.42
N ASP A 100 -8.18 -3.65 13.26
CA ASP A 100 -7.39 -4.04 12.10
C ASP A 100 -5.90 -3.97 12.42
N ALA A 101 -5.52 -2.97 13.19
CA ALA A 101 -4.11 -2.81 13.56
C ALA A 101 -3.59 -3.94 14.49
N LYS A 102 -4.38 -4.36 15.48
CA LYS A 102 -3.99 -5.44 16.38
C LYS A 102 -3.95 -6.83 15.69
N TYR A 103 -4.91 -7.08 14.80
CA TYR A 103 -4.97 -8.37 14.10
C TYR A 103 -4.43 -8.40 12.65
N SER A 104 -4.04 -7.24 12.10
CA SER A 104 -3.40 -7.21 10.77
C SER A 104 -2.13 -6.35 10.59
N HIS A 105 -2.29 -5.03 10.60
CA HIS A 105 -1.20 -4.15 10.18
C HIS A 105 -0.31 -3.51 11.25
N GLY A 106 -0.75 -3.53 12.50
CA GLY A 106 -0.03 -2.83 13.57
C GLY A 106 0.38 -1.38 13.27
N ILE A 107 -0.47 -0.60 12.62
CA ILE A 107 -0.13 0.79 12.36
C ILE A 107 -0.66 1.72 13.47
N ASP A 108 0.21 2.60 13.96
CA ASP A 108 -0.21 3.58 14.96
C ASP A 108 -0.76 4.82 14.28
N VAL A 109 -2.02 5.13 14.55
CA VAL A 109 -2.68 6.25 13.92
C VAL A 109 -1.92 7.57 14.15
N THR A 110 -1.07 7.59 15.18
CA THR A 110 -0.19 8.72 15.46
C THR A 110 0.75 8.98 14.28
N ASP A 111 1.16 7.91 13.60
CA ASP A 111 2.16 8.01 12.53
C ASP A 111 1.61 8.38 11.14
N LEU A 112 0.30 8.43 11.02
CA LEU A 112 -0.36 8.87 9.80
C LEU A 112 -0.59 10.38 9.85
N PHE A 113 -0.05 11.01 10.90
CA PHE A 113 -0.40 12.38 11.31
C PHE A 113 -0.39 13.43 10.19
N ALA A 114 0.72 13.53 9.45
CA ALA A 114 0.71 14.43 8.30
C ALA A 114 0.86 13.65 6.99
N THR A 115 -0.27 13.43 6.32
CA THR A 115 -0.31 12.62 5.11
C THR A 115 -1.09 13.44 4.13
N GLN A 116 -0.79 13.31 2.82
CA GLN A 116 -1.48 14.12 1.83
C GLN A 116 -2.94 13.70 1.72
N PRO A 117 -3.86 14.64 2.01
CA PRO A 117 -5.28 14.37 1.75
C PRO A 117 -5.54 14.30 0.23
N GLY A 118 -6.39 13.37 -0.19
CA GLY A 118 -6.72 13.21 -1.60
C GLY A 118 -5.79 12.32 -2.42
N LEU A 119 -4.61 12.05 -1.87
CA LEU A 119 -3.53 11.39 -2.59
C LEU A 119 -3.95 10.11 -3.31
N THR A 120 -4.70 9.28 -2.59
CA THR A 120 -5.27 8.04 -3.11
C THR A 120 -6.03 8.25 -4.41
N SER A 121 -7.01 9.14 -4.37
CA SER A 121 -7.89 9.37 -5.51
C SER A 121 -7.10 9.85 -6.73
N ALA A 122 -6.10 10.67 -6.41
CA ALA A 122 -5.14 11.22 -7.34
C ALA A 122 -4.29 10.13 -8.02
N VAL A 123 -3.62 9.34 -7.20
CA VAL A 123 -2.82 8.23 -7.70
C VAL A 123 -3.66 7.23 -8.49
N ILE A 124 -4.84 6.88 -7.97
CA ILE A 124 -5.68 5.96 -8.74
C ILE A 124 -6.08 6.52 -10.11
N ASP A 125 -6.42 7.80 -10.15
CA ASP A 125 -6.79 8.46 -11.39
C ASP A 125 -5.67 8.51 -12.43
N ALA A 126 -4.43 8.57 -11.96
CA ALA A 126 -3.25 8.66 -12.83
C ALA A 126 -2.90 7.32 -13.47
N LEU A 127 -3.38 6.23 -12.88
CA LEU A 127 -3.13 4.90 -13.40
C LEU A 127 -3.66 4.82 -14.81
N PRO A 128 -2.88 4.22 -15.71
CA PRO A 128 -3.10 4.17 -17.16
C PRO A 128 -4.41 3.49 -17.53
N ARG A 129 -5.14 4.08 -18.48
CA ARG A 129 -6.42 3.54 -18.90
C ARG A 129 -6.22 2.06 -19.27
N ASN A 130 -7.06 1.19 -18.71
CA ASN A 130 -7.04 -0.27 -19.00
C ASN A 130 -5.79 -1.00 -18.58
N MET A 131 -5.34 -0.73 -17.37
CA MET A 131 -4.15 -1.38 -16.87
C MET A 131 -4.40 -2.78 -16.29
N VAL A 132 -3.35 -3.59 -16.26
CA VAL A 132 -3.41 -4.90 -15.62
C VAL A 132 -2.64 -4.96 -14.29
N ILE A 133 -3.41 -5.06 -13.21
CA ILE A 133 -2.85 -5.22 -11.88
C ILE A 133 -2.94 -6.69 -11.43
N THR A 134 -1.88 -7.14 -10.77
CA THR A 134 -1.87 -8.42 -10.10
C THR A 134 -1.92 -8.23 -8.57
N CYS A 135 -2.66 -9.11 -7.90
CA CYS A 135 -2.79 -9.02 -6.46
C CYS A 135 -3.09 -10.37 -5.81
N GLN A 136 -3.40 -10.31 -4.51
CA GLN A 136 -3.83 -11.48 -3.75
C GLN A 136 -5.10 -11.12 -2.99
N GLY A 137 -6.16 -11.91 -3.17
CA GLY A 137 -7.44 -11.55 -2.60
C GLY A 137 -7.96 -10.31 -3.30
N SER A 138 -8.18 -10.44 -4.61
CA SER A 138 -8.58 -9.32 -5.44
C SER A 138 -9.83 -8.56 -4.97
N ASP A 139 -10.63 -9.18 -4.12
CA ASP A 139 -11.89 -8.59 -3.68
C ASP A 139 -11.79 -7.19 -3.01
N ASP A 140 -10.77 -7.00 -2.15
CA ASP A 140 -10.49 -5.66 -1.57
C ASP A 140 -10.07 -4.63 -2.63
N ILE A 141 -9.02 -4.93 -3.39
CA ILE A 141 -8.57 -4.11 -4.53
C ILE A 141 -9.67 -3.76 -5.56
N ARG A 142 -10.48 -4.76 -5.92
CA ARG A 142 -11.61 -4.52 -6.83
C ARG A 142 -12.55 -3.48 -6.23
N LYS A 143 -13.01 -3.71 -5.00
CA LYS A 143 -13.92 -2.79 -4.32
C LYS A 143 -13.43 -1.32 -4.34
N LEU A 144 -12.15 -1.10 -4.07
CA LEU A 144 -11.52 0.22 -4.06
C LEU A 144 -11.49 0.91 -5.43
N LEU A 145 -11.00 0.19 -6.44
CA LEU A 145 -10.85 0.72 -7.79
C LEU A 145 -12.17 1.02 -8.41
N GLU A 146 -13.18 0.22 -8.09
CA GLU A 146 -14.48 0.44 -8.69
C GLU A 146 -15.16 1.62 -8.00
N SER A 147 -14.68 1.94 -6.79
CA SER A 147 -15.11 3.12 -6.05
C SER A 147 -14.38 4.38 -6.53
N GLN A 148 -13.29 4.18 -7.27
CA GLN A 148 -12.59 5.30 -7.88
C GLN A 148 -13.00 5.47 -9.32
N GLY A 149 -13.91 4.61 -9.74
CA GLY A 149 -14.44 4.67 -11.10
C GLY A 149 -13.61 3.94 -12.15
N ARG A 150 -12.60 3.21 -11.71
CA ARG A 150 -11.82 2.47 -12.67
C ARG A 150 -12.31 1.03 -12.66
N LYS A 151 -13.19 0.72 -13.61
CA LYS A 151 -13.68 -0.63 -13.80
C LYS A 151 -12.86 -1.17 -14.95
N ASP A 152 -12.06 -0.28 -15.52
CA ASP A 152 -11.32 -0.56 -16.74
C ASP A 152 -10.06 -1.30 -16.39
N ILE A 153 -9.73 -1.32 -15.11
CA ILE A 153 -8.49 -1.95 -14.70
C ILE A 153 -8.71 -3.45 -14.53
N LYS A 154 -7.97 -4.22 -15.33
CA LYS A 154 -8.04 -5.68 -15.32
C LYS A 154 -7.31 -6.22 -14.09
N LEU A 155 -7.98 -7.06 -13.32
CA LEU A 155 -7.35 -7.58 -12.10
C LEU A 155 -7.03 -9.07 -12.17
N ILE A 156 -5.74 -9.40 -12.00
CA ILE A 156 -5.31 -10.79 -11.93
C ILE A 156 -5.02 -11.16 -10.49
N ASP A 157 -5.80 -12.11 -9.98
CA ASP A 157 -5.62 -12.59 -8.63
C ASP A 157 -4.86 -13.93 -8.66
N ILE A 158 -3.63 -13.91 -8.17
CA ILE A 158 -2.79 -15.12 -8.13
C ILE A 158 -3.44 -16.23 -7.32
N ALA A 159 -4.46 -15.86 -6.54
CA ALA A 159 -5.30 -16.76 -5.74
C ALA A 159 -4.51 -17.83 -4.98
N LEU A 160 -3.45 -17.40 -4.31
CA LEU A 160 -2.68 -18.29 -3.44
C LEU A 160 -3.39 -18.51 -2.13
N SER A 161 -2.65 -19.13 -1.23
CA SER A 161 -3.17 -19.48 0.07
C SER A 161 -2.32 -18.65 0.99
N LYS A 162 -2.75 -18.48 2.24
CA LYS A 162 -1.96 -17.70 3.18
C LYS A 162 -0.56 -18.29 3.27
N THR A 163 -0.45 -19.61 3.41
CA THR A 163 0.86 -20.18 3.71
C THR A 163 1.82 -20.19 2.50
N ASP A 164 1.27 -20.15 1.30
CA ASP A 164 2.09 -20.05 0.11
C ASP A 164 2.68 -18.66 -0.05
N SER A 165 1.80 -17.68 -0.24
CA SER A 165 2.18 -16.28 -0.47
C SER A 165 3.21 -15.71 0.51
N ARG A 166 3.06 -16.05 1.79
CA ARG A 166 3.90 -15.50 2.85
C ARG A 166 5.25 -16.21 2.97
N LYS A 167 5.47 -17.25 2.17
CA LYS A 167 6.68 -18.07 2.27
C LYS A 167 8.01 -17.29 2.18
N TYR A 168 8.01 -16.13 1.54
CA TYR A 168 9.21 -15.31 1.46
C TYR A 168 9.32 -14.18 2.49
N GLU A 169 8.37 -14.16 3.44
CA GLU A 169 8.21 -13.10 4.43
C GLU A 169 9.49 -12.61 5.12
N ASN A 170 10.15 -13.49 5.86
CA ASN A 170 11.29 -13.06 6.69
C ASN A 170 12.48 -12.54 5.89
N ALA A 171 12.64 -13.03 4.68
CA ALA A 171 13.75 -12.62 3.80
C ALA A 171 13.44 -11.24 3.21
N VAL A 172 12.21 -11.10 2.73
CA VAL A 172 11.70 -9.82 2.24
C VAL A 172 11.80 -8.75 3.33
N TRP A 173 11.34 -9.09 4.53
CA TRP A 173 11.46 -8.19 5.67
C TRP A 173 12.91 -7.89 5.99
N ASP A 174 13.78 -8.86 5.74
CA ASP A 174 15.21 -8.71 6.05
C ASP A 174 15.93 -7.76 5.08
N GLN A 175 16.03 -8.16 3.81
CA GLN A 175 16.71 -7.36 2.80
C GLN A 175 16.07 -5.98 2.71
N TYR A 176 14.74 -5.96 2.87
CA TYR A 176 13.93 -4.77 2.65
C TYR A 176 13.43 -3.93 3.84
N LYS A 177 13.85 -4.26 5.06
CA LYS A 177 13.32 -3.64 6.29
C LYS A 177 13.19 -2.11 6.31
N ASP A 178 14.23 -1.40 5.87
CA ASP A 178 14.30 0.07 5.92
C ASP A 178 13.18 0.77 5.15
N LEU A 179 12.51 0.04 4.27
CA LEU A 179 11.48 0.62 3.41
C LEU A 179 10.15 0.84 4.12
N CYS A 180 9.86 0.09 5.17
CA CYS A 180 8.76 0.48 6.05
C CYS A 180 9.01 0.37 7.57
N HIS A 181 9.06 1.54 8.21
CA HIS A 181 9.17 1.62 9.66
C HIS A 181 7.82 1.87 10.31
N MET A 182 6.78 1.83 9.49
CA MET A 182 5.44 2.24 9.85
C MET A 182 4.58 1.20 10.54
N HIS A 183 5.09 -0.01 10.72
CA HIS A 183 4.31 -0.93 11.52
C HIS A 183 5.03 -1.14 12.85
N THR A 184 4.56 -0.34 13.81
CA THR A 184 5.07 -0.28 15.16
C THR A 184 4.40 -1.33 16.07
N GLY A 185 3.11 -1.55 15.79
CA GLY A 185 2.24 -2.35 16.63
C GLY A 185 2.58 -3.82 16.74
N VAL A 186 2.07 -4.44 17.79
CA VAL A 186 2.21 -5.87 17.97
C VAL A 186 0.94 -6.54 17.46
N VAL A 187 1.14 -7.47 16.54
CA VAL A 187 0.03 -8.11 15.85
C VAL A 187 -0.07 -9.56 16.28
N VAL A 188 -1.31 -10.02 16.49
CA VAL A 188 -1.58 -11.30 17.11
C VAL A 188 -2.51 -12.17 16.26
N GLU A 189 -2.62 -13.45 16.62
CA GLU A 189 -3.42 -14.45 15.89
C GLU A 189 -4.00 -15.49 16.86
N LYS A 190 -5.12 -16.12 16.51
CA LYS A 190 -5.63 -17.23 17.34
C LYS A 190 -4.58 -18.31 17.45
N LYS A 191 -4.15 -18.60 18.67
CA LYS A 191 -3.43 -19.83 18.96
C LYS A 191 -4.52 -20.86 19.23
N LYS A 192 -4.46 -21.99 18.52
CA LYS A 192 -5.38 -23.08 18.76
C LYS A 192 -5.43 -23.50 20.25
N ARG A 193 -4.27 -23.77 20.84
CA ARG A 193 -4.20 -24.06 22.28
C ARG A 193 -4.55 -22.86 23.19
N GLY A 194 -3.88 -21.74 22.93
CA GLY A 194 -3.81 -20.55 23.79
C GLY A 194 -4.33 -19.12 23.52
N GLY A 195 -5.18 -18.88 22.52
CA GLY A 195 -5.45 -17.49 22.14
C GLY A 195 -4.29 -16.77 21.47
N LYS A 196 -3.81 -15.68 22.03
CA LYS A 196 -2.83 -14.87 21.27
C LYS A 196 -1.40 -15.49 20.98
N GLU A 197 -1.08 -15.58 19.68
CA GLU A 197 0.29 -15.86 19.18
C GLU A 197 0.80 -14.70 18.31
N GLU A 198 1.97 -14.15 18.63
CA GLU A 198 2.51 -12.98 17.92
C GLU A 198 3.07 -13.32 16.52
N ILE A 199 2.88 -12.39 15.58
CA ILE A 199 3.30 -12.57 14.19
C ILE A 199 3.92 -11.32 13.56
N THR A 200 4.33 -11.46 12.31
CA THR A 200 4.79 -10.33 11.51
C THR A 200 3.60 -9.73 10.76
N PRO A 201 3.41 -8.42 10.89
CA PRO A 201 2.23 -7.76 10.31
C PRO A 201 2.22 -7.56 8.78
N HIS A 202 1.11 -6.99 8.32
CA HIS A 202 0.84 -6.86 6.89
C HIS A 202 1.06 -5.45 6.41
N CYS A 203 2.15 -5.30 5.68
CA CYS A 203 2.58 -4.08 5.03
C CYS A 203 2.23 -4.23 3.55
N ALA A 204 1.49 -3.28 2.97
CA ALA A 204 1.15 -3.35 1.54
C ALA A 204 2.39 -3.59 0.68
N LEU A 205 3.43 -2.81 0.98
CA LEU A 205 4.70 -2.87 0.26
C LEU A 205 5.45 -4.20 0.34
N MET A 206 5.65 -4.73 1.54
CA MET A 206 6.31 -6.03 1.71
C MET A 206 5.53 -7.15 1.02
N ASP A 207 4.21 -7.12 1.23
CA ASP A 207 3.31 -8.07 0.59
C ASP A 207 3.48 -8.03 -0.92
N CYS A 208 3.55 -6.83 -1.49
CA CYS A 208 3.76 -6.69 -2.92
C CYS A 208 5.03 -7.42 -3.32
N ILE A 209 6.13 -7.03 -2.68
CA ILE A 209 7.42 -7.65 -2.91
C ILE A 209 7.40 -9.15 -2.70
N MET A 210 6.91 -9.59 -1.53
CA MET A 210 6.97 -11.01 -1.19
C MET A 210 6.04 -11.90 -2.03
N PHE A 211 4.94 -11.34 -2.54
CA PHE A 211 4.08 -12.12 -3.42
C PHE A 211 4.79 -12.37 -4.76
N ASP A 212 5.45 -11.35 -5.32
CA ASP A 212 6.25 -11.49 -6.54
C ASP A 212 7.26 -12.62 -6.36
N ALA A 213 8.01 -12.55 -5.26
CA ALA A 213 9.00 -13.56 -4.91
C ALA A 213 8.44 -14.99 -4.96
N ALA A 214 7.25 -15.16 -4.41
CA ALA A 214 6.58 -16.46 -4.43
C ALA A 214 6.25 -16.85 -5.88
N VAL A 215 5.57 -15.98 -6.61
CA VAL A 215 5.13 -16.28 -7.97
C VAL A 215 6.33 -16.42 -8.94
N SER A 216 7.43 -15.74 -8.63
CA SER A 216 8.66 -15.86 -9.39
C SER A 216 9.74 -16.77 -8.76
N GLY A 217 9.45 -17.38 -7.61
CA GLY A 217 10.36 -18.34 -6.99
C GLY A 217 11.63 -17.81 -6.33
N GLY A 218 11.59 -16.58 -5.80
CA GLY A 218 12.75 -16.00 -5.13
C GLY A 218 12.83 -14.48 -5.18
N LEU A 219 13.92 -13.91 -4.65
CA LEU A 219 14.06 -12.44 -4.61
C LEU A 219 14.70 -11.81 -5.86
N ASN A 220 14.11 -10.70 -6.34
CA ASN A 220 14.65 -9.96 -7.50
C ASN A 220 15.99 -9.29 -7.18
N VAL A 223 17.28 -3.40 -7.80
CA VAL A 223 17.14 -2.54 -6.62
C VAL A 223 15.94 -1.58 -6.70
N LEU A 224 15.36 -1.27 -5.55
CA LEU A 224 14.06 -0.60 -5.51
C LEU A 224 14.15 0.91 -5.37
N ARG A 225 13.23 1.60 -6.04
CA ARG A 225 13.17 3.06 -6.05
C ARG A 225 11.71 3.56 -5.93
N ALA A 226 11.48 4.59 -5.11
CA ALA A 226 10.14 5.15 -5.00
C ALA A 226 9.81 6.11 -6.16
N VAL A 227 8.63 5.94 -6.74
CA VAL A 227 8.14 6.83 -7.79
C VAL A 227 7.74 8.20 -7.24
N LEU A 228 7.54 8.30 -5.93
CA LEU A 228 7.07 9.55 -5.31
C LEU A 228 8.07 10.09 -4.29
N PRO A 229 8.25 11.42 -4.27
CA PRO A 229 9.20 12.08 -3.35
C PRO A 229 8.64 12.18 -1.94
N ARG A 230 9.48 12.08 -0.91
CA ARG A 230 9.01 11.94 0.48
C ARG A 230 8.01 13.02 0.91
N ASP A 231 8.27 14.27 0.51
CA ASP A 231 7.43 15.42 0.84
C ASP A 231 6.12 15.47 0.04
N MET A 232 5.98 14.55 -0.91
CA MET A 232 4.71 14.30 -1.60
C MET A 232 3.79 13.36 -0.79
N VAL A 233 4.37 12.35 -0.14
CA VAL A 233 3.59 11.40 0.67
C VAL A 233 3.41 11.79 2.15
N PHE A 234 4.22 12.75 2.60
CA PHE A 234 4.21 13.28 3.98
C PHE A 234 4.48 14.79 4.04
N ARG A 235 3.65 15.53 4.77
CA ARG A 235 3.90 16.97 4.95
C ARG A 235 4.91 17.17 6.06
N THR A 236 5.92 18.00 5.83
CA THR A 236 6.82 18.30 6.93
C THR A 236 6.07 19.30 7.77
N SER A 237 5.76 18.85 8.97
CA SER A 237 5.05 19.65 9.93
C SER A 237 6.07 20.56 10.57
N THR A 238 5.62 21.77 10.83
CA THR A 238 6.50 22.81 11.29
C THR A 238 6.05 23.14 12.68
N PRO A 239 6.97 23.61 13.52
CA PRO A 239 6.57 24.14 14.83
C PRO A 239 5.61 25.31 14.63
N ARG A 240 4.60 25.41 15.49
CA ARG A 240 3.62 26.49 15.39
C ARG A 240 3.05 26.87 16.76
N VAL A 241 2.48 28.08 16.83
CA VAL A 241 1.72 28.51 18.01
C VAL A 241 0.28 27.99 17.88
N VAL A 242 -0.29 27.50 18.98
CA VAL A 242 -1.64 26.91 18.91
C VAL A 242 -2.77 27.96 19.02
N LEU A 243 -3.71 27.89 18.08
CA LEU A 243 -4.85 28.79 18.01
C LEU A 243 -6.09 28.04 17.54
ZN ZN D . 4.12 -0.64 5.34
MG MG E . -4.56 -8.00 -0.24
#